data_8I57
#
_entry.id   8I57
#
_cell.length_a   68.220
_cell.length_b   68.220
_cell.length_c   82.650
_cell.angle_alpha   90.00
_cell.angle_beta   90.00
_cell.angle_gamma   90.00
#
_symmetry.space_group_name_H-M   'P 41'
#
loop_
_entity.id
_entity.type
_entity.pdbx_description
1 polymer 'Sirohydrochlorin cobaltochelatase'
2 non-polymer "3,3',3'',3'''-[3,8,13,17-tetrakis(carboxymethyl)porphyrin-2,7,12,18-tetrayl]tetrapropanoic acid"
#
_entity_poly.entity_id   1
_entity_poly.type   'polypeptide(L)'
_entity_poly.pdbx_seq_one_letter_code
;MEALVLVGHGSRLPYSKELLVKLAEKVKERNLFPIVEIGLMEFSEPTIPQAVKKAIEQGAKRIIVVPVFLAHGIHTTRDI
PRLLGLIEDNHEHHHEHSHHHHHHHHHEHEKLEIPEDVEIIYREPIGADDRIVDIIIDRAFGR
;
_entity_poly.pdbx_strand_id   A,B
#
loop_
_chem_comp.id
_chem_comp.type
_chem_comp.name
_chem_comp.formula
UP3 non-polymer '3,3',3'',3'''-[3,8,13,17-tetrakis(carboxymethyl)porphyrin-2,7,12,18-tetrayl]tetrapropanoic acid' 'C40 H38 N4 O16'
#
# COMPACT_ATOMS: atom_id res chain seq x y z
N MET A 1 4.56 25.12 12.86
CA MET A 1 3.79 25.92 11.92
C MET A 1 2.90 24.95 11.17
N GLU A 2 3.54 24.01 10.47
CA GLU A 2 2.85 22.98 9.71
C GLU A 2 3.41 21.61 10.06
N ALA A 3 2.54 20.60 10.12
CA ALA A 3 3.02 19.26 10.47
C ALA A 3 2.63 18.26 9.39
N LEU A 4 3.48 17.27 9.22
CA LEU A 4 3.22 16.07 8.44
C LEU A 4 2.91 14.88 9.33
N VAL A 5 1.72 14.34 9.13
CA VAL A 5 1.27 13.13 9.81
C VAL A 5 1.12 12.01 8.80
N LEU A 6 1.96 10.98 8.93
CA LEU A 6 1.85 9.82 8.07
C LEU A 6 0.92 8.87 8.79
N VAL A 7 -0.11 8.43 8.10
CA VAL A 7 -1.09 7.55 8.67
C VAL A 7 -1.11 6.22 7.92
N GLY A 8 -1.13 5.12 8.68
CA GLY A 8 -1.09 3.79 8.12
C GLY A 8 -2.15 2.91 8.74
N HIS A 9 -2.31 1.72 8.15
CA HIS A 9 -3.41 0.84 8.57
C HIS A 9 -3.22 0.29 9.97
N GLY A 10 -2.03 -0.20 10.27
CA GLY A 10 -1.81 -0.96 11.48
C GLY A 10 -2.15 -2.43 11.23
N SER A 11 -1.64 -3.28 12.12
CA SER A 11 -1.65 -4.73 11.89
C SER A 11 -1.47 -5.36 13.25
N ARG A 12 -1.99 -6.56 13.44
CA ARG A 12 -1.61 -7.28 14.65
C ARG A 12 -0.18 -7.75 14.58
N LEU A 13 0.37 -7.86 13.36
CA LEU A 13 1.79 -8.12 13.18
C LEU A 13 2.54 -6.79 13.21
N PRO A 14 3.86 -6.81 13.43
CA PRO A 14 4.59 -5.55 13.64
C PRO A 14 5.02 -4.82 12.37
N TYR A 15 4.82 -5.41 11.20
CA TYR A 15 5.45 -4.90 9.97
C TYR A 15 4.85 -3.57 9.51
N SER A 16 3.56 -3.38 9.70
CA SER A 16 2.92 -2.16 9.22
C SER A 16 3.45 -0.93 9.98
N LYS A 17 3.57 -1.06 11.30
CA LYS A 17 4.14 0.02 12.08
C LYS A 17 5.57 0.28 11.72
N GLU A 18 6.37 -0.77 11.64
CA GLU A 18 7.77 -0.65 11.21
C GLU A 18 7.92 0.10 9.90
N LEU A 19 7.04 -0.20 8.93
CA LEU A 19 7.04 0.54 7.67
C LEU A 19 6.84 2.03 7.91
N LEU A 20 5.78 2.40 8.63
CA LEU A 20 5.51 3.82 8.87
C LEU A 20 6.66 4.49 9.63
N VAL A 21 7.24 3.79 10.59
CA VAL A 21 8.34 4.36 11.37
C VAL A 21 9.54 4.64 10.46
N LYS A 22 9.89 3.65 9.62
CA LYS A 22 11.01 3.82 8.71
C LYS A 22 10.73 4.95 7.71
N LEU A 23 9.49 5.03 7.20
CA LEU A 23 9.13 6.09 6.27
C LEU A 23 9.24 7.46 6.94
N ALA A 24 8.74 7.58 8.17
CA ALA A 24 8.83 8.84 8.92
C ALA A 24 10.28 9.26 9.13
N GLU A 25 11.13 8.31 9.54
CA GLU A 25 12.54 8.63 9.74
C GLU A 25 13.18 9.12 8.44
N LYS A 26 12.89 8.47 7.30
CA LYS A 26 13.46 8.97 6.04
C LYS A 26 12.94 10.36 5.67
N VAL A 27 11.63 10.62 5.88
CA VAL A 27 11.10 11.95 5.58
C VAL A 27 11.84 12.97 6.43
N LYS A 28 12.07 12.62 7.68
CA LYS A 28 12.81 13.47 8.60
C LYS A 28 14.23 13.72 8.11
N GLU A 29 14.87 12.69 7.52
CA GLU A 29 16.24 12.81 7.03
C GLU A 29 16.30 13.73 5.83
N ARG A 30 15.18 13.93 5.16
CA ARG A 30 15.09 14.85 4.04
C ARG A 30 15.03 16.34 4.43
N ASN A 31 14.77 16.70 5.70
CA ASN A 31 14.58 18.10 6.14
C ASN A 31 13.63 18.94 5.30
N LEU A 32 12.36 18.47 5.26
CA LEU A 32 11.23 19.13 4.62
C LEU A 32 10.13 19.63 5.55
N PHE A 33 9.94 19.03 6.71
CA PHE A 33 8.86 19.43 7.60
C PHE A 33 9.31 19.74 9.01
N PRO A 34 8.71 20.79 9.60
CA PRO A 34 9.04 21.10 10.99
C PRO A 34 8.59 20.02 11.96
N ILE A 35 7.49 19.29 11.63
CA ILE A 35 6.96 18.36 12.60
C ILE A 35 6.59 17.12 11.76
N VAL A 36 7.05 15.94 12.13
CA VAL A 36 6.67 14.72 11.43
C VAL A 36 6.25 13.69 12.47
N GLU A 37 5.05 13.15 12.31
CA GLU A 37 4.50 12.13 13.22
C GLU A 37 3.80 11.04 12.45
N ILE A 38 3.68 9.87 13.09
CA ILE A 38 2.94 8.76 12.51
C ILE A 38 1.77 8.37 13.41
N GLY A 39 0.73 7.86 12.76
CA GLY A 39 -0.43 7.29 13.44
C GLY A 39 -0.92 6.05 12.71
N LEU A 40 -1.41 5.09 13.49
CA LEU A 40 -1.83 3.83 12.97
C LEU A 40 -3.33 3.78 13.21
N MET A 41 -4.10 3.38 12.22
CA MET A 41 -5.55 3.33 12.40
C MET A 41 -6.06 2.36 13.41
N GLU A 42 -5.50 1.16 13.44
CA GLU A 42 -5.95 0.09 14.32
C GLU A 42 -4.78 -0.73 14.88
N PHE A 43 -5.05 -1.39 16.04
CA PHE A 43 -4.18 -2.41 16.66
C PHE A 43 -2.87 -1.88 17.26
N SER A 44 -2.52 -0.62 17.00
CA SER A 44 -1.16 -0.17 17.30
C SER A 44 -1.06 1.32 17.53
N GLU A 45 -0.08 1.69 18.31
CA GLU A 45 0.11 2.99 18.88
C GLU A 45 1.37 3.53 18.20
N PRO A 46 1.47 4.83 17.95
CA PRO A 46 0.44 5.85 18.11
C PRO A 46 -0.76 5.73 17.19
N THR A 47 -1.92 6.08 17.73
CA THR A 47 -3.16 6.06 17.00
C THR A 47 -3.22 7.35 16.20
N ILE A 48 -4.22 7.46 15.35
CA ILE A 48 -4.29 8.64 14.51
C ILE A 48 -4.58 9.88 15.38
N PRO A 49 -5.58 9.84 16.27
CA PRO A 49 -5.76 11.01 17.16
C PRO A 49 -4.54 11.37 18.01
N GLN A 50 -3.82 10.39 18.53
CA GLN A 50 -2.63 10.74 19.31
C GLN A 50 -1.61 11.48 18.46
N ALA A 51 -1.41 11.02 17.22
CA ALA A 51 -0.45 11.67 16.32
C ALA A 51 -0.87 13.10 16.04
N VAL A 52 -2.17 13.32 15.79
CA VAL A 52 -2.62 14.68 15.51
C VAL A 52 -2.46 15.60 16.71
N LYS A 53 -2.80 15.13 17.92
CA LYS A 53 -2.64 15.99 19.08
C LYS A 53 -1.17 16.28 19.41
N LYS A 54 -0.29 15.26 19.31
CA LYS A 54 1.14 15.45 19.55
C LYS A 54 1.61 16.57 18.58
N ALA A 55 1.15 16.50 17.29
CA ALA A 55 1.53 17.50 16.29
C ALA A 55 1.08 18.89 16.70
N ILE A 56 -0.17 18.98 17.16
CA ILE A 56 -0.72 20.26 17.57
C ILE A 56 0.12 20.84 18.72
N GLU A 57 0.41 19.99 19.73
CA GLU A 57 1.20 20.38 20.91
C GLU A 57 2.59 20.83 20.52
N GLN A 58 3.15 20.31 19.43
CA GLN A 58 4.48 20.78 19.05
C GLN A 58 4.41 22.14 18.36
N GLY A 59 3.21 22.68 18.15
CA GLY A 59 3.00 24.01 17.62
C GLY A 59 2.43 24.11 16.22
N ALA A 60 2.08 23.00 15.60
CA ALA A 60 1.51 23.01 14.26
C ALA A 60 0.09 23.56 14.23
N LYS A 61 -0.19 24.45 13.27
CA LYS A 61 -1.57 24.89 13.00
C LYS A 61 -2.19 24.33 11.74
N ARG A 62 -1.39 23.88 10.80
CA ARG A 62 -1.82 23.24 9.57
C ARG A 62 -1.17 21.86 9.61
N ILE A 63 -1.98 20.82 9.53
CA ILE A 63 -1.62 19.40 9.68
C ILE A 63 -1.84 18.65 8.38
N ILE A 64 -0.76 18.30 7.71
CA ILE A 64 -0.87 17.53 6.47
C ILE A 64 -0.93 16.06 6.83
N VAL A 65 -2.07 15.43 6.55
CA VAL A 65 -2.28 14.02 6.83
C VAL A 65 -2.19 13.27 5.49
N VAL A 66 -1.22 12.37 5.38
CA VAL A 66 -1.01 11.57 4.17
C VAL A 66 -1.44 10.15 4.44
N PRO A 67 -2.46 9.65 3.74
CA PRO A 67 -2.80 8.24 3.93
C PRO A 67 -1.81 7.36 3.18
N VAL A 68 -0.99 6.63 3.92
CA VAL A 68 -0.02 5.69 3.36
C VAL A 68 -0.75 4.39 3.11
N PHE A 69 -1.58 4.41 2.08
CA PHE A 69 -2.40 3.31 1.62
C PHE A 69 -2.22 3.29 0.12
N LEU A 70 -2.25 2.10 -0.47
CA LEU A 70 -2.12 2.03 -1.92
C LEU A 70 -3.37 2.56 -2.62
N ALA A 71 -4.56 2.14 -2.16
CA ALA A 71 -5.81 2.53 -2.80
C ALA A 71 -6.82 3.09 -1.82
N HIS A 72 -7.76 3.87 -2.35
CA HIS A 72 -8.87 4.26 -1.50
C HIS A 72 -9.62 3.01 -1.06
N GLY A 73 -10.20 3.07 0.12
CA GLY A 73 -11.07 2.04 0.65
C GLY A 73 -11.87 2.65 1.77
N ILE A 74 -12.65 1.82 2.46
CA ILE A 74 -13.44 2.35 3.57
C ILE A 74 -12.57 3.06 4.58
N HIS A 75 -11.31 2.64 4.72
CA HIS A 75 -10.49 3.26 5.75
C HIS A 75 -10.11 4.67 5.34
N THR A 76 -9.84 4.87 4.07
CA THR A 76 -9.44 6.19 3.64
C THR A 76 -10.63 7.09 3.34
N THR A 77 -11.78 6.51 3.01
CA THR A 77 -13.02 7.22 2.74
C THR A 77 -13.93 7.40 3.95
N ARG A 78 -13.97 6.46 4.87
CA ARG A 78 -14.84 6.55 6.04
C ARG A 78 -14.10 6.59 7.38
N ASP A 79 -13.36 5.53 7.75
CA ASP A 79 -12.86 5.42 9.12
C ASP A 79 -11.88 6.55 9.43
N ILE A 80 -10.91 6.80 8.57
CA ILE A 80 -9.92 7.81 8.90
C ILE A 80 -10.48 9.24 8.86
N PRO A 81 -11.29 9.61 7.86
CA PRO A 81 -11.95 10.90 7.85
C PRO A 81 -12.70 11.11 9.13
N ARG A 82 -13.21 10.00 9.67
CA ARG A 82 -13.95 10.06 10.91
C ARG A 82 -13.10 10.47 12.08
N LEU A 83 -12.04 9.72 12.29
CA LEU A 83 -11.06 10.00 13.35
C LEU A 83 -10.57 11.42 13.27
N LEU A 84 -10.37 11.91 12.04
CA LEU A 84 -9.88 13.26 11.89
C LEU A 84 -10.97 14.27 12.12
N GLY A 85 -12.19 13.80 12.40
CA GLY A 85 -13.28 14.72 12.63
C GLY A 85 -13.78 15.50 11.44
N LEU A 86 -13.46 15.06 10.23
CA LEU A 86 -13.84 15.70 8.97
C LEU A 86 -15.26 15.33 8.58
N ILE A 87 -15.77 14.24 9.13
CA ILE A 87 -17.12 13.75 8.92
C ILE A 87 -17.78 13.57 10.28
N GLU A 88 -19.04 14.00 10.38
CA GLU A 88 -19.76 13.97 11.65
C GLU A 88 -19.91 12.54 12.17
N LEU A 112 -10.87 13.47 20.42
CA LEU A 112 -10.88 14.19 19.13
C LEU A 112 -11.46 15.64 19.21
N GLU A 113 -10.73 16.71 19.05
CA GLU A 113 -11.37 18.05 19.15
C GLU A 113 -10.43 18.83 18.19
N ILE A 114 -10.65 19.57 17.11
CA ILE A 114 -9.45 20.21 16.52
C ILE A 114 -9.54 21.69 16.89
N PRO A 115 -8.54 22.31 17.55
CA PRO A 115 -8.80 23.73 17.84
C PRO A 115 -9.11 24.48 16.53
N GLU A 116 -9.81 25.60 16.70
CA GLU A 116 -10.29 26.36 15.55
C GLU A 116 -9.16 27.01 14.78
N ASP A 117 -8.09 27.34 15.46
CA ASP A 117 -6.97 27.89 14.73
C ASP A 117 -6.20 26.83 14.00
N VAL A 118 -6.67 25.59 14.02
CA VAL A 118 -5.99 24.47 13.38
C VAL A 118 -6.85 23.92 12.26
N GLU A 119 -6.26 23.69 11.12
CA GLU A 119 -6.89 23.04 9.98
C GLU A 119 -6.15 21.75 9.68
N ILE A 120 -6.92 20.65 9.47
CA ILE A 120 -6.39 19.34 9.07
C ILE A 120 -6.51 19.30 7.55
N ILE A 121 -5.44 18.98 6.83
CA ILE A 121 -5.51 18.84 5.37
C ILE A 121 -5.22 17.40 5.02
N TYR A 122 -6.24 16.70 4.56
CA TYR A 122 -6.22 15.28 4.30
C TYR A 122 -5.90 15.01 2.83
N ARG A 123 -4.78 14.36 2.60
CA ARG A 123 -4.24 14.17 1.27
C ARG A 123 -4.68 12.83 0.70
N GLU A 124 -4.28 12.59 -0.52
CA GLU A 124 -4.57 11.44 -1.37
C GLU A 124 -3.64 10.27 -1.10
N PRO A 125 -4.12 9.06 -1.37
CA PRO A 125 -3.26 7.88 -1.29
C PRO A 125 -2.25 7.77 -2.40
N ILE A 126 -1.53 6.65 -2.37
CA ILE A 126 -0.39 6.48 -3.26
C ILE A 126 -0.86 6.34 -4.70
N GLY A 127 -1.84 5.44 -4.93
CA GLY A 127 -2.39 5.23 -6.26
C GLY A 127 -1.38 4.55 -7.18
N ALA A 128 -1.74 4.50 -8.45
CA ALA A 128 -0.98 3.76 -9.46
C ALA A 128 0.13 4.65 -10.03
N ASP A 129 0.99 5.12 -9.12
CA ASP A 129 2.05 6.03 -9.50
C ASP A 129 3.05 5.25 -10.36
N ASP A 130 3.59 5.91 -11.39
CA ASP A 130 4.64 5.28 -12.22
C ASP A 130 5.75 4.69 -11.36
N ARG A 131 6.04 5.33 -10.23
CA ARG A 131 7.10 4.83 -9.36
C ARG A 131 6.68 3.52 -8.70
N ILE A 132 5.37 3.32 -8.51
CA ILE A 132 4.94 2.01 -8.04
C ILE A 132 5.22 0.92 -9.06
N VAL A 133 4.98 1.22 -10.32
CA VAL A 133 5.33 0.25 -11.37
C VAL A 133 6.81 -0.07 -11.30
N ASP A 134 7.65 0.96 -11.12
CA ASP A 134 9.09 0.74 -11.01
C ASP A 134 9.44 -0.19 -9.87
N ILE A 135 8.82 0.04 -8.72
CA ILE A 135 9.08 -0.78 -7.56
C ILE A 135 8.63 -2.21 -7.86
N ILE A 136 7.43 -2.34 -8.42
CA ILE A 136 6.86 -3.63 -8.70
C ILE A 136 7.80 -4.45 -9.60
N ILE A 137 8.36 -3.78 -10.63
CA ILE A 137 9.27 -4.47 -11.57
C ILE A 137 10.54 -4.88 -10.84
N ASP A 138 11.07 -4.00 -9.98
CA ASP A 138 12.22 -4.39 -9.17
C ASP A 138 11.89 -5.64 -8.35
N ARG A 139 10.76 -5.63 -7.65
CA ARG A 139 10.37 -6.79 -6.85
C ARG A 139 10.26 -8.04 -7.71
N ALA A 140 9.68 -7.91 -8.91
CA ALA A 140 9.55 -9.07 -9.79
C ALA A 140 10.89 -9.72 -10.04
N PHE A 141 11.96 -8.93 -10.05
CA PHE A 141 13.31 -9.45 -10.27
C PHE A 141 14.07 -9.68 -8.99
N GLY A 142 13.38 -9.67 -7.86
CA GLY A 142 13.99 -9.98 -6.59
C GLY A 142 14.92 -8.92 -6.08
N ARG A 143 14.81 -7.69 -6.59
CA ARG A 143 15.61 -6.58 -6.10
C ARG A 143 14.69 -5.61 -5.33
N MET B 1 6.57 -18.12 -21.12
CA MET B 1 7.63 -18.88 -20.46
C MET B 1 7.68 -18.57 -19.01
N GLU B 2 7.64 -17.29 -18.78
CA GLU B 2 7.57 -16.73 -17.46
C GLU B 2 6.40 -15.76 -17.42
N ALA B 3 5.68 -15.74 -16.30
CA ALA B 3 4.54 -14.85 -16.14
C ALA B 3 4.75 -13.95 -14.92
N LEU B 4 4.22 -12.73 -15.00
CA LEU B 4 4.08 -11.83 -13.86
C LEU B 4 2.63 -11.79 -13.40
N VAL B 5 2.40 -12.11 -12.14
CA VAL B 5 1.08 -12.02 -11.51
C VAL B 5 1.12 -10.95 -10.43
N LEU B 6 0.36 -9.88 -10.64
CA LEU B 6 0.25 -8.85 -9.63
C LEU B 6 -0.92 -9.20 -8.75
N VAL B 7 -0.67 -9.30 -7.46
CA VAL B 7 -1.71 -9.65 -6.52
C VAL B 7 -1.99 -8.50 -5.56
N GLY B 8 -3.30 -8.24 -5.32
CA GLY B 8 -3.71 -7.17 -4.45
C GLY B 8 -4.76 -7.63 -3.45
N HIS B 9 -5.07 -6.75 -2.50
CA HIS B 9 -5.98 -7.10 -1.40
C HIS B 9 -7.42 -7.31 -1.87
N GLY B 10 -7.94 -6.39 -2.69
CA GLY B 10 -9.37 -6.36 -2.97
C GLY B 10 -10.17 -5.64 -1.90
N SER B 11 -11.42 -5.22 -2.28
CA SER B 11 -12.08 -4.34 -1.30
C SER B 11 -13.59 -4.44 -1.74
N ARG B 12 -14.49 -4.17 -0.82
CA ARG B 12 -15.85 -4.02 -1.27
C ARG B 12 -16.16 -2.86 -2.18
N LEU B 13 -15.30 -1.90 -2.08
CA LEU B 13 -15.16 -0.74 -2.93
C LEU B 13 -14.36 -1.11 -4.18
N PRO B 14 -14.50 -0.35 -5.27
CA PRO B 14 -13.84 -0.72 -6.53
C PRO B 14 -12.41 -0.22 -6.67
N TYR B 15 -11.90 0.61 -5.74
CA TYR B 15 -10.65 1.30 -5.99
C TYR B 15 -9.45 0.37 -5.96
N SER B 16 -9.49 -0.67 -5.13
CA SER B 16 -8.35 -1.58 -5.02
C SER B 16 -8.13 -2.34 -6.32
N LYS B 17 -9.21 -2.84 -6.90
CA LYS B 17 -9.09 -3.47 -8.22
C LYS B 17 -8.64 -2.53 -9.31
N GLU B 18 -9.23 -1.36 -9.38
CA GLU B 18 -8.83 -0.35 -10.34
C GLU B 18 -7.32 -0.05 -10.27
N LEU B 19 -6.78 0.03 -9.05
CA LEU B 19 -5.33 0.18 -8.88
C LEU B 19 -4.57 -0.95 -9.54
N LEU B 20 -4.93 -2.20 -9.23
CA LEU B 20 -4.23 -3.33 -9.84
C LEU B 20 -4.36 -3.33 -11.36
N VAL B 21 -5.55 -3.01 -11.87
CA VAL B 21 -5.73 -2.93 -13.31
C VAL B 21 -4.81 -1.88 -13.94
N LYS B 22 -4.76 -0.68 -13.34
CA LYS B 22 -3.90 0.34 -13.95
C LYS B 22 -2.43 -0.06 -13.89
N LEU B 23 -2.02 -0.61 -12.75
CA LEU B 23 -0.64 -1.08 -12.64
C LEU B 23 -0.33 -2.15 -13.68
N ALA B 24 -1.22 -3.12 -13.87
CA ALA B 24 -0.96 -4.17 -14.86
C ALA B 24 -0.84 -3.60 -16.26
N GLU B 25 -1.71 -2.65 -16.57
CA GLU B 25 -1.65 -1.98 -17.84
C GLU B 25 -0.30 -1.27 -18.08
N LYS B 26 0.20 -0.54 -17.08
CA LYS B 26 1.49 0.17 -17.20
C LYS B 26 2.67 -0.81 -17.32
N VAL B 27 2.63 -1.90 -16.56
CA VAL B 27 3.66 -2.93 -16.72
C VAL B 27 3.61 -3.48 -18.14
N LYS B 28 2.40 -3.73 -18.67
CA LYS B 28 2.22 -4.25 -20.03
C LYS B 28 2.82 -3.31 -21.06
N GLU B 29 2.63 -2.00 -20.87
CA GLU B 29 3.23 -0.99 -21.74
C GLU B 29 4.74 -0.97 -21.71
N ARG B 30 5.36 -1.55 -20.69
CA ARG B 30 6.84 -1.58 -20.68
C ARG B 30 7.51 -2.71 -21.49
N ASN B 31 6.78 -3.70 -21.98
CA ASN B 31 7.23 -4.82 -22.82
C ASN B 31 8.41 -5.51 -22.11
N LEU B 32 8.14 -5.91 -20.86
CA LEU B 32 9.05 -6.68 -20.01
C LEU B 32 8.66 -8.13 -19.77
N PHE B 33 7.38 -8.45 -19.82
CA PHE B 33 6.87 -9.78 -19.52
C PHE B 33 6.00 -10.33 -20.63
N PRO B 34 6.17 -11.62 -20.93
CA PRO B 34 5.30 -12.24 -21.93
C PRO B 34 3.88 -12.42 -21.47
N ILE B 35 3.67 -12.54 -20.16
CA ILE B 35 2.35 -12.77 -19.60
C ILE B 35 2.24 -11.87 -18.38
N VAL B 36 1.17 -11.08 -18.29
CA VAL B 36 0.94 -10.26 -17.11
C VAL B 36 -0.51 -10.42 -16.72
N GLU B 37 -0.76 -10.80 -15.46
CA GLU B 37 -2.12 -11.01 -14.98
C GLU B 37 -2.28 -10.43 -13.57
N ILE B 38 -3.52 -10.09 -13.19
CA ILE B 38 -3.81 -9.62 -11.84
C ILE B 38 -4.78 -10.56 -11.14
N GLY B 39 -4.61 -10.64 -9.81
CA GLY B 39 -5.56 -11.34 -8.96
C GLY B 39 -5.76 -10.62 -7.64
N LEU B 40 -6.97 -10.76 -7.10
CA LEU B 40 -7.37 -10.06 -5.89
C LEU B 40 -7.67 -11.09 -4.82
N MET B 41 -7.14 -10.86 -3.62
CA MET B 41 -7.28 -11.82 -2.51
C MET B 41 -8.73 -12.05 -2.13
N GLU B 42 -9.52 -10.98 -2.05
CA GLU B 42 -10.89 -11.14 -1.60
C GLU B 42 -11.78 -10.17 -2.33
N PHE B 43 -13.08 -10.45 -2.25
CA PHE B 43 -14.17 -9.59 -2.68
C PHE B 43 -14.28 -9.42 -4.18
N SER B 44 -13.25 -9.77 -4.95
CA SER B 44 -13.30 -9.38 -6.34
C SER B 44 -12.58 -10.37 -7.24
N GLU B 45 -12.94 -10.29 -8.52
CA GLU B 45 -12.34 -11.14 -9.49
C GLU B 45 -11.43 -10.31 -10.40
N PRO B 46 -10.43 -10.92 -11.04
CA PRO B 46 -9.93 -12.31 -10.93
C PRO B 46 -9.46 -12.65 -9.49
N THR B 47 -9.69 -13.86 -8.99
CA THR B 47 -9.10 -14.22 -7.70
C THR B 47 -7.64 -14.54 -7.97
N ILE B 48 -6.89 -14.80 -6.90
CA ILE B 48 -5.47 -15.16 -7.01
C ILE B 48 -5.35 -16.51 -7.76
N PRO B 49 -6.10 -17.58 -7.35
CA PRO B 49 -6.06 -18.83 -8.14
C PRO B 49 -6.43 -18.63 -9.60
N GLN B 50 -7.46 -17.84 -9.90
CA GLN B 50 -7.77 -17.60 -11.32
C GLN B 50 -6.61 -16.94 -12.06
N ALA B 51 -5.92 -15.99 -11.45
CA ALA B 51 -4.80 -15.34 -12.15
C ALA B 51 -3.68 -16.35 -12.44
N VAL B 52 -3.36 -17.19 -11.45
CA VAL B 52 -2.30 -18.18 -11.64
C VAL B 52 -2.69 -19.19 -12.71
N LYS B 53 -3.95 -19.63 -12.72
CA LYS B 53 -4.34 -20.60 -13.75
C LYS B 53 -4.30 -19.99 -15.15
N LYS B 54 -4.77 -18.75 -15.31
CA LYS B 54 -4.69 -18.04 -16.58
C LYS B 54 -3.26 -18.01 -17.09
N ALA B 55 -2.35 -17.62 -16.21
CA ALA B 55 -0.94 -17.58 -16.55
C ALA B 55 -0.44 -18.95 -17.01
N ILE B 56 -0.78 -20.00 -16.25
CA ILE B 56 -0.32 -21.32 -16.66
C ILE B 56 -0.86 -21.70 -18.04
N GLU B 57 -2.16 -21.54 -18.26
CA GLU B 57 -2.73 -21.91 -19.56
C GLU B 57 -2.17 -21.10 -20.74
N GLN B 58 -1.66 -19.89 -20.51
CA GLN B 58 -1.06 -19.11 -21.60
C GLN B 58 0.37 -19.51 -21.95
N GLY B 59 0.90 -20.53 -21.28
CA GLY B 59 2.20 -21.14 -21.52
C GLY B 59 3.29 -20.86 -20.50
N ALA B 60 3.00 -20.07 -19.45
CA ALA B 60 3.98 -19.85 -18.39
C ALA B 60 4.17 -21.07 -17.47
N LYS B 61 5.44 -21.41 -17.20
CA LYS B 61 5.87 -22.39 -16.20
C LYS B 61 6.54 -21.73 -15.01
N ARG B 62 6.93 -20.49 -15.15
CA ARG B 62 7.48 -19.71 -14.08
C ARG B 62 6.62 -18.50 -13.95
N ILE B 63 6.07 -18.44 -12.76
CA ILE B 63 5.07 -17.48 -12.34
C ILE B 63 5.66 -16.60 -11.26
N ILE B 64 5.94 -15.36 -11.60
CA ILE B 64 6.43 -14.39 -10.62
C ILE B 64 5.19 -13.75 -10.01
N VAL B 65 4.98 -13.95 -8.71
CA VAL B 65 3.82 -13.41 -8.00
C VAL B 65 4.35 -12.25 -7.16
N VAL B 66 3.90 -11.04 -7.43
CA VAL B 66 4.40 -9.89 -6.68
C VAL B 66 3.26 -9.38 -5.80
N PRO B 67 3.40 -9.38 -4.47
CA PRO B 67 2.33 -8.82 -3.62
C PRO B 67 2.39 -7.30 -3.66
N VAL B 68 1.38 -6.70 -4.29
CA VAL B 68 1.30 -5.25 -4.36
C VAL B 68 0.66 -4.82 -3.04
N PHE B 69 1.43 -4.89 -1.97
CA PHE B 69 1.06 -4.53 -0.60
C PHE B 69 2.19 -3.67 -0.06
N LEU B 70 1.85 -2.71 0.80
CA LEU B 70 2.92 -1.89 1.37
C LEU B 70 3.76 -2.68 2.36
N ALA B 71 3.14 -3.42 3.28
CA ALA B 71 3.87 -4.13 4.32
C ALA B 71 3.48 -5.60 4.37
N HIS B 72 4.37 -6.42 4.95
CA HIS B 72 3.94 -7.78 5.20
C HIS B 72 2.80 -7.72 6.22
N GLY B 73 1.91 -8.70 6.16
CA GLY B 73 0.88 -8.90 7.17
C GLY B 73 0.35 -10.30 7.04
N ILE B 74 -0.74 -10.58 7.75
CA ILE B 74 -1.30 -11.93 7.69
C ILE B 74 -1.61 -12.30 6.25
N HIS B 75 -1.93 -11.31 5.40
CA HIS B 75 -2.29 -11.65 4.03
C HIS B 75 -1.07 -12.05 3.21
N THR B 76 0.08 -11.40 3.44
CA THR B 76 1.24 -11.74 2.63
C THR B 76 2.03 -12.89 3.22
N THR B 77 1.89 -13.12 4.53
CA THR B 77 2.57 -14.20 5.23
C THR B 77 1.76 -15.51 5.30
N ARG B 78 0.44 -15.43 5.38
CA ARG B 78 -0.40 -16.61 5.50
C ARG B 78 -1.36 -16.80 4.32
N ASP B 79 -2.32 -15.87 4.14
CA ASP B 79 -3.47 -16.11 3.27
C ASP B 79 -3.01 -16.33 1.83
N ILE B 80 -2.16 -15.46 1.32
CA ILE B 80 -1.69 -15.57 -0.07
C ILE B 80 -0.75 -16.76 -0.28
N PRO B 81 0.24 -17.00 0.58
CA PRO B 81 1.04 -18.22 0.42
C PRO B 81 0.18 -19.45 0.35
N ARG B 82 -0.95 -19.46 1.07
CA ARG B 82 -1.78 -20.66 1.06
C ARG B 82 -2.54 -20.75 -0.27
N LEU B 83 -3.11 -19.64 -0.77
CA LEU B 83 -3.75 -19.69 -2.10
C LEU B 83 -2.77 -20.15 -3.16
N LEU B 84 -1.51 -19.76 -3.04
CA LEU B 84 -0.51 -20.21 -3.98
C LEU B 84 -0.09 -21.65 -3.70
N GLY B 85 -0.65 -22.29 -2.67
CA GLY B 85 -0.22 -23.64 -2.40
C GLY B 85 1.19 -23.76 -1.89
N LEU B 86 1.75 -22.67 -1.36
CA LEU B 86 3.10 -22.54 -0.84
C LEU B 86 3.21 -23.04 0.60
N ILE B 87 2.09 -23.26 1.27
CA ILE B 87 2.10 -23.83 2.60
C ILE B 87 1.19 -25.03 2.86
N LEU B 112 -8.12 -25.64 -3.45
CA LEU B 112 -8.71 -24.69 -4.38
C LEU B 112 -7.87 -24.72 -5.67
N GLU B 113 -6.55 -24.76 -5.43
CA GLU B 113 -5.43 -24.68 -6.37
C GLU B 113 -4.55 -25.92 -6.44
N ILE B 114 -4.27 -26.38 -7.67
CA ILE B 114 -3.37 -27.51 -7.99
C ILE B 114 -2.51 -27.03 -9.17
N PRO B 115 -1.16 -26.73 -8.92
CA PRO B 115 -0.25 -26.45 -10.04
C PRO B 115 0.35 -27.65 -10.75
N GLU B 116 1.55 -27.51 -11.31
CA GLU B 116 2.08 -28.54 -12.20
C GLU B 116 3.55 -28.76 -11.88
N ASP B 117 4.41 -28.92 -12.90
CA ASP B 117 5.84 -28.92 -12.81
C ASP B 117 6.35 -27.49 -12.84
N VAL B 118 5.46 -26.56 -12.61
CA VAL B 118 5.66 -25.13 -12.78
C VAL B 118 6.09 -24.59 -11.43
N GLU B 119 6.94 -23.57 -11.48
CA GLU B 119 7.41 -22.92 -10.28
C GLU B 119 6.77 -21.54 -10.10
N ILE B 120 6.23 -21.34 -8.91
CA ILE B 120 5.76 -20.07 -8.42
C ILE B 120 6.89 -19.41 -7.65
N ILE B 121 7.18 -18.17 -8.01
CA ILE B 121 8.19 -17.38 -7.34
C ILE B 121 7.44 -16.25 -6.66
N TYR B 122 7.40 -16.32 -5.34
CA TYR B 122 6.63 -15.39 -4.53
C TYR B 122 7.58 -14.32 -4.06
N ARG B 123 7.35 -13.10 -4.54
CA ARG B 123 8.25 -11.99 -4.33
C ARG B 123 7.84 -11.21 -3.08
N GLU B 124 8.55 -10.25 -2.81
CA GLU B 124 8.49 -9.37 -1.66
C GLU B 124 7.55 -8.18 -1.88
N PRO B 125 7.00 -7.63 -0.80
CA PRO B 125 6.17 -6.42 -0.91
C PRO B 125 6.98 -5.15 -1.14
N ILE B 126 6.26 -4.03 -1.14
CA ILE B 126 6.85 -2.76 -1.54
C ILE B 126 7.86 -2.29 -0.49
N GLY B 127 7.47 -2.31 0.79
CA GLY B 127 8.32 -1.90 1.89
C GLY B 127 8.55 -0.39 1.84
N ALA B 128 9.47 0.07 2.70
CA ALA B 128 9.72 1.50 2.86
C ALA B 128 10.75 1.97 1.83
N ASP B 129 10.40 1.77 0.57
CA ASP B 129 11.31 2.13 -0.51
C ASP B 129 11.42 3.66 -0.57
N ASP B 130 12.63 4.16 -0.86
CA ASP B 130 12.83 5.61 -1.03
C ASP B 130 11.82 6.22 -2.00
N ARG B 131 11.37 5.44 -2.98
CA ARG B 131 10.43 6.03 -3.93
C ARG B 131 9.07 6.18 -3.27
N ILE B 132 8.79 5.37 -2.24
CA ILE B 132 7.59 5.61 -1.47
C ILE B 132 7.68 6.94 -0.74
N VAL B 133 8.84 7.26 -0.20
CA VAL B 133 9.04 8.55 0.44
C VAL B 133 8.78 9.66 -0.56
N ASP B 134 9.30 9.49 -1.78
CA ASP B 134 9.11 10.47 -2.85
C ASP B 134 7.63 10.71 -3.15
N ILE B 135 6.88 9.62 -3.24
CA ILE B 135 5.44 9.70 -3.51
C ILE B 135 4.75 10.40 -2.35
N ILE B 136 5.07 9.97 -1.13
CA ILE B 136 4.47 10.57 0.07
C ILE B 136 4.69 12.08 0.10
N ILE B 137 5.90 12.53 -0.21
CA ILE B 137 6.20 13.97 -0.22
C ILE B 137 5.40 14.69 -1.29
N ASP B 138 5.32 14.09 -2.48
CA ASP B 138 4.44 14.62 -3.51
C ASP B 138 3.01 14.76 -3.01
N ARG B 139 2.47 13.69 -2.42
CA ARG B 139 1.10 13.72 -1.89
C ARG B 139 0.93 14.80 -0.83
N ALA B 140 1.92 14.94 0.05
CA ALA B 140 1.88 15.96 1.09
C ALA B 140 1.62 17.31 0.48
N PHE B 141 2.21 17.56 -0.71
CA PHE B 141 2.06 18.85 -1.36
C PHE B 141 0.95 18.83 -2.39
N GLY B 142 0.05 17.85 -2.31
CA GLY B 142 -1.08 17.86 -3.21
C GLY B 142 -0.71 17.52 -4.62
N ARG B 143 0.44 16.88 -4.86
CA ARG B 143 0.87 16.58 -6.19
C ARG B 143 0.83 15.05 -6.34
O2R UP3 C . -6.14 -9.44 9.21
C63 UP3 C . -6.37 -9.60 10.43
O1R UP3 C . -6.78 -10.67 10.94
C62 UP3 C . -6.19 -8.40 11.39
C61 UP3 C . -5.85 -7.03 10.72
C18 UP3 C . -6.91 -6.62 9.69
C19 UP3 C . -6.56 -6.07 8.53
N24 UP3 C . -7.66 -5.81 7.86
C20 UP3 C . -5.31 -6.06 8.08
C1 UP3 C . -4.93 -5.51 6.94
C17 UP3 C . -8.22 -6.49 9.82
C86 UP3 C . -9.05 -6.81 11.08
C87 UP3 C . -9.78 -8.11 11.19
O1Q UP3 C . -10.19 -8.60 10.11
O2Q UP3 C . -9.97 -8.54 12.34
C16 UP3 C . -8.67 -5.90 8.73
C15 UP3 C . -9.90 -5.95 8.35
C14 UP3 C . -10.13 -5.93 7.05
N23 UP3 C . -9.49 -4.96 6.29
C13 UP3 C . -11.19 -5.98 6.36
C51 UP3 C . -12.04 -7.11 6.83
C52 UP3 C . -11.36 -8.41 6.13
C53 UP3 C . -9.79 -8.78 6.28
O2M UP3 C . -9.35 -9.22 7.36
O1M UP3 C . -9.08 -8.62 5.25
C12 UP3 C . -11.09 -5.54 5.15
C81 UP3 C . -11.92 -5.88 3.93
C82 UP3 C . -13.15 -5.05 3.77
O1L UP3 C . -13.15 -4.23 2.82
O2L UP3 C . -14.08 -5.30 4.57
C11 UP3 C . -9.99 -4.93 5.04
C10 UP3 C . -9.70 -4.25 3.93
C6 UP3 C . -8.68 -3.57 3.58
N22 UP3 C . -7.58 -3.93 4.21
C7 UP3 C . -8.35 -2.87 2.48
C7A UP3 C . -9.28 -2.32 1.39
C7B UP3 C . -10.45 -1.45 1.96
O17 UP3 C . -10.20 -0.58 2.81
O27 UP3 C . -11.59 -1.69 1.50
C8 UP3 C . -7.02 -2.72 2.55
C41 UP3 C . -6.13 -1.98 1.54
C42 UP3 C . -5.54 -0.62 1.84
C43 UP3 C . -4.63 -0.30 0.64
O28 UP3 C . -5.06 -0.49 -0.53
O18 UP3 C . -3.47 0.11 0.92
C9 UP3 C . -6.54 -3.38 3.62
C5 UP3 C . -5.32 -3.50 4.14
C4 UP3 C . -4.91 -4.18 5.23
N21 UP3 C . -5.70 -4.89 6.06
C3 UP3 C . -3.67 -4.29 5.71
C2 UP3 C . -3.71 -5.01 6.81
C2A UP3 C . -2.50 -5.33 7.72
C2B UP3 C . -2.28 -6.83 7.98
O12 UP3 C . -1.93 -7.52 7.01
O22 UP3 C . -2.41 -7.24 9.16
C31 UP3 C . -2.50 -3.51 5.05
C32 UP3 C . -1.92 -4.19 3.84
C33 UP3 C . -0.89 -3.30 3.10
O13 UP3 C . -1.13 -3.18 1.88
O23 UP3 C . 0.02 -2.74 3.74
#